data_1SCN
#
_entry.id   1SCN
#
_cell.length_a   76.500
_cell.length_b   55.400
_cell.length_c   53.400
_cell.angle_alpha   90.00
_cell.angle_beta   90.00
_cell.angle_gamma   90.00
#
_symmetry.space_group_name_H-M   'P 21 21 21'
#
loop_
_entity.id
_entity.type
_entity.pdbx_description
1 polymer 'SUBTILISIN CARLSBERG'
2 non-polymer N-(tert-butoxycarbonyl)-L-alanyl-N-[(1R)-1-(carboxyamino)-2-phenylethyl]-L-prolinamide
3 non-polymer 'CALCIUM ION'
4 non-polymer 'SODIUM ION'
5 water water
#
_entity_poly.entity_id   1
_entity_poly.type   'polypeptide(L)'
_entity_poly.pdbx_seq_one_letter_code
;AQTVPYGIPLIKADKVQAQGFKGANVKVAVLDTGIQASHPDLNVVGGASFVAGEAYNTDGNGHGTHVAGTVAALDNTTGV
LGVAPSVSLYAVKVLNSSGSGSYSGIVSGIEWATTNGMDVINMSLGGASGSTAMKQAVDNAYARGVVVVAAAGNSGNSGS
TNTIGYPAKYDSVIAVGAVDSNSNRASFSSVGAELEVMAPGAGVYSTYPTNTYATLNGTSMASPHVAGAAALILSKHPNL
SASQVRNRLSSTATYLGSSFYYGKGLINVEAAAQAP
;
_entity_poly.pdbx_strand_id   E
#
loop_
_chem_comp.id
_chem_comp.type
_chem_comp.name
_chem_comp.formula
0EF peptide-like N-(tert-butoxycarbonyl)-L-alanyl-N-[(1R)-1-(carboxyamino)-2-phenylethyl]-L-prolinamide 'C22 H32 N4 O6'
CA non-polymer 'CALCIUM ION' 'Ca 2'
NA non-polymer 'SODIUM ION' 'Na 1'
#
# COMPACT_ATOMS: atom_id res chain seq x y z
N ALA A 1 -20.43 16.22 -0.25
CA ALA A 1 -19.68 15.90 -1.45
C ALA A 1 -18.43 15.05 -1.22
N GLN A 2 -17.69 15.02 -0.09
CA GLN A 2 -16.60 14.02 0.03
C GLN A 2 -16.99 12.68 0.70
N THR A 3 -16.76 11.54 0.05
CA THR A 3 -17.07 10.28 0.69
C THR A 3 -15.91 9.75 1.52
N VAL A 4 -16.27 9.24 2.70
CA VAL A 4 -15.27 8.66 3.54
C VAL A 4 -15.33 7.14 3.39
N PRO A 5 -14.42 6.52 2.66
CA PRO A 5 -14.40 5.05 2.53
C PRO A 5 -14.38 4.37 3.89
N TYR A 6 -15.06 3.24 4.10
CA TYR A 6 -15.07 2.70 5.46
C TYR A 6 -13.67 2.29 6.00
N GLY A 7 -12.72 1.98 5.10
CA GLY A 7 -11.40 1.62 5.59
C GLY A 7 -10.75 2.70 6.44
N ILE A 8 -10.97 3.98 6.16
CA ILE A 8 -10.36 5.07 6.90
C ILE A 8 -10.61 5.02 8.39
N PRO A 9 -11.87 4.92 8.80
CA PRO A 9 -12.06 4.91 10.24
C PRO A 9 -11.88 3.50 10.76
N LEU A 10 -12.04 2.52 9.88
CA LEU A 10 -11.85 1.17 10.38
C LEU A 10 -10.44 1.05 10.95
N ILE A 11 -9.43 1.72 10.36
CA ILE A 11 -8.06 1.63 10.84
C ILE A 11 -7.74 2.83 11.71
N LYS A 12 -8.76 3.60 12.02
CA LYS A 12 -8.59 4.73 12.86
C LYS A 12 -7.71 5.83 12.29
N ALA A 13 -7.63 5.93 10.95
CA ALA A 13 -6.81 6.95 10.36
C ALA A 13 -7.40 8.33 10.58
N ASP A 14 -8.69 8.31 10.68
CA ASP A 14 -9.32 9.54 10.94
C ASP A 14 -8.98 10.17 12.26
N LYS A 15 -8.76 9.38 13.28
CA LYS A 15 -8.42 9.91 14.59
C LYS A 15 -7.05 10.53 14.54
N VAL A 16 -6.16 9.97 13.71
CA VAL A 16 -4.82 10.52 13.61
C VAL A 16 -4.84 11.84 12.82
N GLN A 17 -5.58 11.78 11.74
CA GLN A 17 -5.70 12.96 10.94
C GLN A 17 -6.23 14.07 11.83
N ALA A 18 -7.22 13.78 12.67
CA ALA A 18 -7.76 14.84 13.50
C ALA A 18 -6.75 15.40 14.46
N GLN A 19 -5.71 14.65 14.80
CA GLN A 19 -4.62 15.11 15.67
C GLN A 19 -3.81 16.18 14.94
N GLY A 20 -3.91 16.24 13.60
CA GLY A 20 -3.15 17.20 12.80
C GLY A 20 -2.06 16.56 11.94
N PHE A 21 -1.94 15.23 12.01
CA PHE A 21 -0.95 14.49 11.26
C PHE A 21 -1.63 13.81 10.05
N LYS A 22 -1.18 14.18 8.84
CA LYS A 22 -1.79 13.75 7.59
C LYS A 22 -0.81 13.24 6.57
N GLY A 23 0.45 13.15 6.98
CA GLY A 23 1.53 12.67 6.12
C GLY A 23 2.31 13.76 5.37
N ALA A 24 2.09 15.03 5.74
CA ALA A 24 2.75 16.15 5.11
C ALA A 24 4.27 15.92 5.09
N ASN A 25 4.82 16.09 3.90
CA ASN A 25 6.25 15.99 3.73
C ASN A 25 6.74 14.57 3.68
N VAL A 26 5.87 13.56 3.70
CA VAL A 26 6.40 12.20 3.68
C VAL A 26 6.35 11.73 2.23
N LYS A 27 7.39 11.13 1.70
CA LYS A 27 7.36 10.70 0.31
C LYS A 27 6.96 9.22 0.13
N VAL A 28 5.89 9.00 -0.66
CA VAL A 28 5.44 7.65 -0.96
C VAL A 28 5.45 7.37 -2.43
N ALA A 29 6.04 6.24 -2.78
CA ALA A 29 6.04 5.80 -4.15
C ALA A 29 5.05 4.65 -4.33
N VAL A 30 4.17 4.78 -5.32
CA VAL A 30 3.26 3.73 -5.67
C VAL A 30 3.78 3.01 -6.90
N LEU A 31 4.32 1.80 -6.69
CA LEU A 31 4.84 0.93 -7.72
C LEU A 31 3.62 0.22 -8.34
N ASP A 32 3.16 0.65 -9.51
CA ASP A 32 1.93 0.08 -10.01
C ASP A 32 1.70 0.33 -11.49
N THR A 33 0.44 0.50 -11.91
CA THR A 33 0.19 0.63 -13.34
C THR A 33 0.30 2.08 -13.81
N GLY A 34 0.79 2.98 -12.94
CA GLY A 34 0.84 4.40 -13.21
C GLY A 34 -0.27 5.07 -12.42
N ILE A 35 -0.61 6.33 -12.69
CA ILE A 35 -1.64 6.99 -11.92
C ILE A 35 -2.18 8.04 -12.86
N GLN A 36 -3.51 8.24 -12.87
CA GLN A 36 -4.14 9.23 -13.72
C GLN A 36 -3.89 10.59 -13.07
N ALA A 37 -2.72 11.15 -13.36
CA ALA A 37 -2.27 12.38 -12.71
C ALA A 37 -3.23 13.58 -12.76
N SER A 38 -4.06 13.61 -13.78
CA SER A 38 -5.02 14.67 -13.95
C SER A 38 -6.28 14.48 -13.13
N HIS A 39 -6.37 13.41 -12.37
CA HIS A 39 -7.57 13.25 -11.56
C HIS A 39 -7.69 14.35 -10.56
N PRO A 40 -8.85 14.90 -10.29
CA PRO A 40 -8.94 16.07 -9.46
C PRO A 40 -8.80 15.79 -8.01
N ASP A 41 -8.87 14.52 -7.65
CA ASP A 41 -8.72 14.20 -6.25
C ASP A 41 -7.32 13.66 -5.92
N LEU A 42 -6.37 13.72 -6.87
CA LEU A 42 -5.01 13.27 -6.63
C LEU A 42 -3.95 14.30 -6.94
N ASN A 43 -2.88 14.46 -6.20
CA ASN A 43 -1.83 15.39 -6.60
C ASN A 43 -0.51 14.62 -6.74
N VAL A 44 -0.04 14.25 -7.98
CA VAL A 44 1.17 13.46 -8.20
C VAL A 44 2.36 14.39 -8.39
N VAL A 45 3.28 14.29 -7.48
CA VAL A 45 4.39 15.19 -7.57
C VAL A 45 5.52 14.79 -8.54
N GLY A 46 5.73 13.51 -8.88
CA GLY A 46 6.75 13.09 -9.81
C GLY A 46 6.63 11.60 -10.05
N GLY A 47 7.66 10.94 -10.58
CA GLY A 47 7.64 9.50 -10.75
C GLY A 47 8.53 9.14 -11.92
N ALA A 48 8.47 7.89 -12.31
CA ALA A 48 9.21 7.33 -13.43
C ALA A 48 8.41 6.21 -14.11
N SER A 49 8.77 5.84 -15.32
CA SER A 49 8.06 4.75 -15.94
C SER A 49 9.07 3.78 -16.47
N PHE A 50 8.88 2.56 -16.04
CA PHE A 50 9.77 1.55 -16.53
C PHE A 50 9.06 0.59 -17.47
N VAL A 51 7.90 0.96 -17.99
CA VAL A 51 7.21 0.16 -18.98
C VAL A 51 7.33 0.86 -20.33
N ALA A 52 7.77 0.19 -21.40
CA ALA A 52 7.86 0.82 -22.71
C ALA A 52 6.59 1.42 -23.26
N GLY A 53 6.67 2.64 -23.76
CA GLY A 53 5.63 3.28 -24.52
C GLY A 53 4.60 4.01 -23.69
N GLU A 54 4.69 3.96 -22.37
CA GLU A 54 3.76 4.63 -21.44
C GLU A 54 4.48 5.53 -20.44
N ALA A 55 4.06 6.79 -20.33
CA ALA A 55 4.65 7.73 -19.40
C ALA A 55 4.09 7.40 -18.04
N TYR A 56 4.72 7.90 -17.01
CA TYR A 56 4.29 7.51 -15.70
C TYR A 56 3.04 8.18 -15.21
N ASN A 57 2.59 9.27 -15.81
CA ASN A 57 1.44 9.91 -15.28
C ASN A 57 0.16 9.70 -16.05
N THR A 58 -0.05 8.49 -16.58
CA THR A 58 -1.24 7.97 -17.25
C THR A 58 -1.49 6.57 -16.68
N ASP A 59 -2.74 6.15 -16.59
CA ASP A 59 -3.04 4.86 -16.05
C ASP A 59 -4.08 4.26 -16.96
N GLY A 60 -3.64 3.39 -17.82
CA GLY A 60 -4.65 2.90 -18.72
C GLY A 60 -5.44 1.75 -18.11
N ASN A 61 -5.03 1.25 -16.97
CA ASN A 61 -5.72 0.14 -16.34
C ASN A 61 -6.65 0.59 -15.27
N GLY A 62 -6.20 1.52 -14.45
CA GLY A 62 -6.97 2.05 -13.35
C GLY A 62 -6.46 1.58 -12.00
N HIS A 63 -5.90 0.38 -11.94
CA HIS A 63 -5.40 -0.16 -10.70
C HIS A 63 -4.49 0.79 -9.92
N GLY A 64 -3.54 1.42 -10.62
CA GLY A 64 -2.60 2.29 -9.95
C GLY A 64 -3.30 3.48 -9.34
N THR A 65 -4.22 3.96 -10.15
CA THR A 65 -4.93 5.10 -9.66
C THR A 65 -5.75 4.84 -8.40
N HIS A 66 -6.37 3.68 -8.36
CA HIS A 66 -7.18 3.27 -7.24
C HIS A 66 -6.31 3.10 -6.02
N VAL A 67 -5.22 2.38 -6.18
CA VAL A 67 -4.32 2.18 -5.03
C VAL A 67 -3.81 3.52 -4.48
N ALA A 68 -3.47 4.38 -5.41
CA ALA A 68 -2.98 5.67 -4.98
C ALA A 68 -4.02 6.42 -4.22
N GLY A 69 -5.28 6.35 -4.64
CA GLY A 69 -6.33 7.12 -3.99
C GLY A 69 -6.49 6.68 -2.53
N THR A 70 -6.29 5.39 -2.30
CA THR A 70 -6.41 4.95 -0.92
C THR A 70 -5.29 5.54 -0.05
N VAL A 71 -4.10 5.71 -0.61
CA VAL A 71 -3.03 6.28 0.17
C VAL A 71 -3.22 7.76 0.42
N ALA A 72 -3.67 8.41 -0.66
CA ALA A 72 -3.68 9.84 -0.60
C ALA A 72 -4.73 10.59 -1.34
N ALA A 73 -5.96 10.14 -1.55
CA ALA A 73 -6.86 11.08 -2.18
C ALA A 73 -6.94 12.38 -1.36
N LEU A 74 -6.99 13.54 -1.99
CA LEU A 74 -7.00 14.81 -1.27
C LEU A 74 -8.14 14.99 -0.29
N ASP A 75 -7.83 15.62 0.83
CA ASP A 75 -8.89 15.87 1.77
C ASP A 75 -9.53 17.16 1.32
N ASN A 76 -10.72 17.11 0.72
CA ASN A 76 -11.29 18.33 0.22
C ASN A 76 -12.77 18.15 0.20
N THR A 77 -13.46 18.67 -0.79
CA THR A 77 -14.91 18.62 -0.72
C THR A 77 -15.54 17.80 -1.82
N THR A 78 -14.69 16.93 -2.33
CA THR A 78 -15.14 16.06 -3.38
C THR A 78 -14.50 14.68 -3.39
N GLY A 79 -15.03 13.74 -4.14
CA GLY A 79 -14.41 12.43 -4.26
C GLY A 79 -14.31 11.60 -2.98
N VAL A 80 -13.12 11.07 -2.67
CA VAL A 80 -12.84 10.29 -1.48
C VAL A 80 -11.79 10.94 -0.57
N LEU A 81 -11.28 10.24 0.42
CA LEU A 81 -10.34 10.76 1.38
C LEU A 81 -9.29 9.69 1.54
N GLY A 82 -8.03 10.03 1.34
CA GLY A 82 -6.99 9.05 1.54
C GLY A 82 -6.66 8.93 3.02
N VAL A 83 -5.87 7.92 3.28
CA VAL A 83 -5.41 7.67 4.61
C VAL A 83 -4.43 8.75 4.99
N ALA A 84 -3.62 9.21 4.05
CA ALA A 84 -2.62 10.20 4.39
C ALA A 84 -2.65 11.28 3.31
N PRO A 85 -3.73 12.02 3.33
CA PRO A 85 -4.01 12.99 2.29
C PRO A 85 -2.94 14.04 1.99
N SER A 86 -1.95 14.34 2.81
CA SER A 86 -1.00 15.38 2.51
C SER A 86 0.35 14.86 2.03
N VAL A 87 0.47 13.55 1.86
CA VAL A 87 1.75 12.98 1.46
C VAL A 87 2.14 13.45 0.08
N SER A 88 3.43 13.47 -0.22
CA SER A 88 3.99 13.79 -1.51
C SER A 88 3.98 12.47 -2.25
N LEU A 89 3.20 12.44 -3.32
CA LEU A 89 2.96 11.19 -3.98
C LEU A 89 3.69 11.01 -5.29
N TYR A 90 4.36 9.88 -5.44
CA TYR A 90 5.06 9.60 -6.68
C TYR A 90 4.47 8.34 -7.35
N ALA A 91 4.34 8.43 -8.66
CA ALA A 91 3.85 7.31 -9.42
C ALA A 91 5.02 6.62 -10.07
N VAL A 92 5.23 5.36 -9.75
CA VAL A 92 6.32 4.68 -10.41
C VAL A 92 5.72 3.54 -11.22
N LYS A 93 5.79 3.63 -12.54
CA LYS A 93 5.12 2.63 -13.34
C LYS A 93 5.93 1.39 -13.64
N VAL A 94 5.51 0.25 -13.05
CA VAL A 94 6.15 -1.03 -13.23
C VAL A 94 5.31 -2.11 -13.86
N LEU A 95 4.03 -1.82 -14.00
CA LEU A 95 3.09 -2.78 -14.53
C LEU A 95 2.49 -2.23 -15.79
N ASN A 96 2.23 -3.11 -16.72
CA ASN A 96 1.63 -2.66 -17.94
C ASN A 96 0.11 -2.49 -17.76
N SER A 97 -0.54 -2.23 -18.89
CA SER A 97 -1.96 -1.92 -19.01
C SER A 97 -2.81 -3.06 -18.52
N SER A 98 -2.23 -4.22 -18.65
CA SER A 98 -2.98 -5.40 -18.31
C SER A 98 -2.72 -5.78 -16.89
N GLY A 99 -1.98 -4.91 -16.18
CA GLY A 99 -1.69 -5.17 -14.78
C GLY A 99 -0.53 -6.14 -14.57
N SER A 100 0.31 -6.42 -15.57
CA SER A 100 1.43 -7.32 -15.38
C SER A 100 2.78 -6.65 -15.45
N GLY A 101 3.78 -7.23 -14.81
CA GLY A 101 5.05 -6.56 -14.98
C GLY A 101 6.14 -7.60 -15.02
N SER A 102 7.31 -7.16 -15.43
CA SER A 102 8.46 -8.05 -15.45
C SER A 102 9.31 -7.75 -14.22
N TYR A 103 10.14 -8.75 -13.92
CA TYR A 103 11.02 -8.67 -12.77
C TYR A 103 11.96 -7.52 -12.93
N SER A 104 12.58 -7.41 -14.07
CA SER A 104 13.53 -6.31 -14.16
C SER A 104 12.78 -4.98 -14.13
N GLY A 105 11.55 -4.94 -14.60
CA GLY A 105 10.87 -3.66 -14.47
C GLY A 105 10.58 -3.28 -13.01
N ILE A 106 10.14 -4.27 -12.20
CA ILE A 106 9.82 -4.03 -10.79
C ILE A 106 11.04 -3.63 -9.99
N VAL A 107 12.11 -4.36 -10.27
CA VAL A 107 13.37 -4.10 -9.61
C VAL A 107 13.83 -2.70 -9.93
N SER A 108 13.72 -2.28 -11.18
CA SER A 108 14.11 -0.92 -11.51
C SER A 108 13.32 0.11 -10.70
N GLY A 109 12.02 -0.12 -10.57
CA GLY A 109 11.17 0.78 -9.80
C GLY A 109 11.62 0.79 -8.33
N ILE A 110 11.84 -0.37 -7.72
CA ILE A 110 12.31 -0.31 -6.35
C ILE A 110 13.59 0.51 -6.26
N GLU A 111 14.56 0.20 -7.11
CA GLU A 111 15.79 0.91 -7.08
C GLU A 111 15.62 2.39 -7.25
N TRP A 112 14.75 2.83 -8.17
CA TRP A 112 14.51 4.26 -8.40
C TRP A 112 14.06 4.93 -7.11
N ALA A 113 13.12 4.20 -6.51
CA ALA A 113 12.53 4.68 -5.28
C ALA A 113 13.52 4.89 -4.14
N THR A 114 14.41 3.90 -3.98
CA THR A 114 15.43 4.00 -2.97
C THR A 114 16.36 5.18 -3.21
N THR A 115 16.79 5.29 -4.45
CA THR A 115 17.73 6.32 -4.90
C THR A 115 17.20 7.74 -4.82
N ASN A 116 15.90 7.84 -5.11
CA ASN A 116 15.29 9.14 -5.07
C ASN A 116 14.74 9.48 -3.70
N GLY A 117 15.20 8.80 -2.68
CA GLY A 117 14.74 9.22 -1.37
C GLY A 117 13.29 8.99 -0.93
N MET A 118 12.65 7.94 -1.40
CA MET A 118 11.32 7.74 -0.88
C MET A 118 11.29 7.30 0.61
N ASP A 119 10.24 7.64 1.35
CA ASP A 119 10.13 7.07 2.68
C ASP A 119 9.41 5.73 2.78
N VAL A 120 8.44 5.50 1.91
CA VAL A 120 7.61 4.29 1.95
C VAL A 120 7.40 3.84 0.55
N ILE A 121 7.42 2.55 0.33
CA ILE A 121 7.15 2.08 -1.01
C ILE A 121 5.98 1.14 -0.91
N ASN A 122 5.03 1.25 -1.82
CA ASN A 122 3.86 0.37 -1.81
C ASN A 122 3.94 -0.48 -3.06
N MET A 123 3.86 -1.79 -2.92
CA MET A 123 3.79 -2.63 -4.09
C MET A 123 2.56 -3.54 -4.04
N SER A 124 1.44 -3.14 -4.64
CA SER A 124 0.24 -3.93 -4.76
C SER A 124 0.41 -4.80 -5.98
N LEU A 125 1.32 -5.73 -5.86
CA LEU A 125 1.61 -6.52 -7.02
C LEU A 125 2.42 -7.73 -6.54
N GLY A 126 2.67 -8.77 -7.29
CA GLY A 126 3.37 -9.89 -6.69
C GLY A 126 3.11 -11.10 -7.56
N GLY A 127 3.85 -12.13 -7.30
CA GLY A 127 3.76 -13.32 -8.11
C GLY A 127 4.24 -14.46 -7.25
N ALA A 128 4.17 -15.63 -7.86
CA ALA A 128 4.50 -16.89 -7.23
C ALA A 128 6.00 -17.01 -6.99
N SER A 129 6.81 -16.40 -7.88
CA SER A 129 8.24 -16.38 -7.65
C SER A 129 8.79 -14.99 -7.46
N GLY A 130 9.94 -15.01 -6.82
CA GLY A 130 10.74 -13.82 -6.63
C GLY A 130 11.90 -13.96 -7.62
N SER A 131 12.92 -13.12 -7.44
CA SER A 131 14.20 -13.12 -8.11
C SER A 131 15.23 -12.61 -7.13
N THR A 132 16.49 -12.97 -7.40
CA THR A 132 17.51 -12.59 -6.46
C THR A 132 17.75 -11.12 -6.48
N ALA A 133 17.55 -10.59 -7.66
CA ALA A 133 17.73 -9.17 -7.76
C ALA A 133 16.60 -8.48 -7.04
N MET A 134 15.42 -9.08 -7.06
CA MET A 134 14.27 -8.47 -6.40
C MET A 134 14.52 -8.51 -4.92
N LYS A 135 15.05 -9.63 -4.44
CA LYS A 135 15.35 -9.72 -3.02
C LYS A 135 16.39 -8.70 -2.62
N GLN A 136 17.38 -8.56 -3.48
CA GLN A 136 18.41 -7.61 -3.17
C GLN A 136 17.82 -6.22 -3.02
N ALA A 137 16.98 -5.92 -4.01
CA ALA A 137 16.37 -4.60 -4.06
C ALA A 137 15.64 -4.20 -2.78
N VAL A 138 14.71 -5.06 -2.37
CA VAL A 138 13.89 -4.86 -1.18
C VAL A 138 14.72 -4.81 0.07
N ASP A 139 15.68 -5.70 0.22
CA ASP A 139 16.51 -5.75 1.41
C ASP A 139 17.30 -4.48 1.50
N ASN A 140 17.70 -4.04 0.33
CA ASN A 140 18.50 -2.83 0.37
C ASN A 140 17.68 -1.59 0.65
N ALA A 141 16.46 -1.52 0.10
CA ALA A 141 15.58 -0.40 0.41
C ALA A 141 15.31 -0.28 1.93
N TYR A 142 15.04 -1.41 2.60
CA TYR A 142 14.68 -1.46 4.01
C TYR A 142 15.90 -1.05 4.82
N ALA A 143 17.03 -1.60 4.44
CA ALA A 143 18.28 -1.35 5.13
C ALA A 143 18.64 0.10 5.05
N ARG A 144 18.29 0.72 3.94
CA ARG A 144 18.50 2.15 3.86
C ARG A 144 17.37 2.92 4.56
N GLY A 145 16.39 2.31 5.24
CA GLY A 145 15.43 3.20 5.93
C GLY A 145 14.05 3.45 5.29
N VAL A 146 13.74 2.83 4.14
CA VAL A 146 12.43 2.95 3.52
C VAL A 146 11.51 1.86 4.04
N VAL A 147 10.26 2.18 4.35
CA VAL A 147 9.29 1.16 4.76
C VAL A 147 8.76 0.53 3.49
N VAL A 148 8.83 -0.79 3.38
CA VAL A 148 8.41 -1.50 2.18
C VAL A 148 7.19 -2.37 2.45
N VAL A 149 6.08 -2.07 1.79
CA VAL A 149 4.80 -2.74 1.93
C VAL A 149 4.31 -3.35 0.62
N ALA A 150 3.79 -4.58 0.73
CA ALA A 150 3.30 -5.28 -0.43
C ALA A 150 2.03 -6.10 -0.15
N ALA A 151 1.19 -6.28 -1.16
CA ALA A 151 0.01 -7.11 -1.02
C ALA A 151 0.45 -8.59 -0.84
N ALA A 152 -0.14 -9.33 0.11
CA ALA A 152 0.23 -10.73 0.28
C ALA A 152 -0.18 -11.66 -0.86
N GLY A 153 -1.23 -11.32 -1.60
CA GLY A 153 -1.71 -12.23 -2.64
C GLY A 153 -3.20 -12.47 -2.56
N ASN A 154 -3.87 -12.92 -3.61
CA ASN A 154 -5.30 -13.11 -3.51
C ASN A 154 -5.57 -14.56 -3.80
N SER A 155 -4.75 -15.39 -3.21
CA SER A 155 -4.94 -16.79 -3.51
C SER A 155 -5.74 -17.59 -2.50
N GLY A 156 -6.26 -17.01 -1.41
CA GLY A 156 -7.03 -17.80 -0.46
C GLY A 156 -6.14 -18.83 0.22
N ASN A 157 -6.79 -19.81 0.85
CA ASN A 157 -6.01 -20.83 1.51
C ASN A 157 -6.32 -22.21 0.96
N SER A 158 -5.41 -23.14 1.25
CA SER A 158 -5.75 -24.50 0.92
C SER A 158 -5.03 -25.49 1.78
N GLY A 159 -5.79 -25.85 2.79
CA GLY A 159 -5.11 -26.74 3.69
C GLY A 159 -4.02 -25.92 4.30
N SER A 160 -2.96 -26.64 4.57
CA SER A 160 -1.91 -26.05 5.37
C SER A 160 -0.88 -25.28 4.57
N THR A 161 -1.17 -25.05 3.29
CA THR A 161 -0.20 -24.39 2.44
C THR A 161 -0.13 -22.87 2.37
N ASN A 162 1.12 -22.33 2.26
CA ASN A 162 1.49 -20.91 2.10
C ASN A 162 1.18 -20.36 0.71
N THR A 163 0.27 -19.38 0.63
CA THR A 163 -0.07 -18.88 -0.68
C THR A 163 0.37 -17.41 -0.80
N ILE A 164 1.34 -17.04 0.05
CA ILE A 164 1.98 -15.74 0.13
C ILE A 164 2.83 -15.42 -1.08
N GLY A 165 2.57 -14.32 -1.80
CA GLY A 165 3.32 -14.11 -3.05
C GLY A 165 4.62 -13.35 -2.83
N TYR A 166 5.45 -13.13 -3.85
CA TYR A 166 6.67 -12.32 -3.71
C TYR A 166 6.39 -11.03 -4.42
N PRO A 167 6.83 -9.90 -3.90
CA PRO A 167 7.81 -9.67 -2.88
C PRO A 167 7.29 -9.71 -1.47
N ALA A 168 5.98 -9.79 -1.24
CA ALA A 168 5.49 -9.77 0.14
C ALA A 168 6.22 -10.79 1.01
N LYS A 169 6.44 -11.96 0.47
CA LYS A 169 7.13 -13.00 1.22
C LYS A 169 8.51 -12.69 1.79
N TYR A 170 9.24 -11.79 1.17
CA TYR A 170 10.56 -11.48 1.71
C TYR A 170 10.47 -10.88 3.08
N ASP A 171 11.42 -11.20 3.94
CA ASP A 171 11.30 -10.67 5.25
C ASP A 171 11.57 -9.22 5.45
N SER A 172 12.08 -8.54 4.45
CA SER A 172 12.19 -7.11 4.67
C SER A 172 10.96 -6.38 4.15
N VAL A 173 9.90 -7.11 3.78
CA VAL A 173 8.71 -6.45 3.21
C VAL A 173 7.46 -6.72 4.07
N ILE A 174 6.59 -5.76 4.40
CA ILE A 174 5.39 -6.17 5.13
C ILE A 174 4.32 -6.76 4.19
N ALA A 175 3.86 -7.99 4.49
CA ALA A 175 2.85 -8.68 3.72
C ALA A 175 1.47 -8.34 4.30
N VAL A 176 0.62 -7.69 3.52
CA VAL A 176 -0.68 -7.33 4.05
C VAL A 176 -1.82 -8.19 3.53
N GLY A 177 -2.66 -8.70 4.44
CA GLY A 177 -3.83 -9.49 4.09
C GLY A 177 -5.05 -8.58 4.06
N ALA A 178 -6.18 -9.08 3.53
CA ALA A 178 -7.44 -8.33 3.47
C ALA A 178 -8.58 -8.73 4.41
N VAL A 179 -9.32 -7.76 4.99
CA VAL A 179 -10.55 -7.96 5.80
C VAL A 179 -11.65 -7.13 5.12
N ASP A 180 -12.90 -7.37 5.48
CA ASP A 180 -13.96 -6.58 4.91
C ASP A 180 -14.45 -5.54 5.92
N SER A 181 -15.55 -4.85 5.68
CA SER A 181 -16.06 -3.82 6.57
C SER A 181 -16.52 -4.34 7.90
N ASN A 182 -16.72 -5.64 8.02
CA ASN A 182 -17.04 -6.25 9.31
C ASN A 182 -15.79 -6.73 10.00
N SER A 183 -14.63 -6.43 9.43
CA SER A 183 -13.40 -6.83 10.07
C SER A 183 -13.20 -8.30 9.93
N ASN A 184 -13.78 -8.92 8.95
CA ASN A 184 -13.58 -10.32 8.81
C ASN A 184 -12.60 -10.55 7.68
N ARG A 185 -11.85 -11.65 7.76
CA ARG A 185 -10.95 -11.90 6.68
C ARG A 185 -11.76 -12.23 5.47
N ALA A 186 -11.29 -11.71 4.36
CA ALA A 186 -11.92 -11.96 3.09
C ALA A 186 -11.43 -13.30 2.59
N SER A 187 -12.26 -13.98 1.81
CA SER A 187 -11.84 -15.29 1.42
C SER A 187 -10.65 -15.35 0.51
N PHE A 188 -10.49 -14.33 -0.30
CA PHE A 188 -9.43 -14.38 -1.25
C PHE A 188 -8.08 -14.08 -0.65
N SER A 189 -8.05 -13.62 0.58
CA SER A 189 -6.76 -13.23 1.13
C SER A 189 -5.81 -14.39 1.31
N SER A 190 -4.62 -14.28 0.77
CA SER A 190 -3.66 -15.32 0.99
C SER A 190 -3.32 -15.58 2.44
N VAL A 191 -2.73 -16.75 2.68
CA VAL A 191 -2.29 -17.20 4.00
C VAL A 191 -0.88 -17.77 4.00
N GLY A 192 -0.25 -17.74 5.16
CA GLY A 192 1.08 -18.30 5.21
C GLY A 192 1.84 -17.73 6.41
N ALA A 193 2.97 -18.36 6.76
CA ALA A 193 3.77 -17.97 7.91
C ALA A 193 4.12 -16.51 7.80
N GLU A 194 4.37 -16.04 6.58
CA GLU A 194 4.82 -14.66 6.45
C GLU A 194 3.78 -13.58 6.56
N LEU A 195 2.50 -13.94 6.59
CA LEU A 195 1.49 -12.89 6.65
C LEU A 195 1.71 -12.01 7.89
N GLU A 196 1.65 -10.66 7.75
CA GLU A 196 2.00 -9.80 8.86
C GLU A 196 0.90 -8.97 9.52
N VAL A 197 0.11 -8.26 8.71
CA VAL A 197 -0.98 -7.45 9.22
C VAL A 197 -2.10 -7.54 8.21
N MET A 198 -3.26 -7.06 8.65
CA MET A 198 -4.44 -7.05 7.79
C MET A 198 -4.86 -5.61 7.65
N ALA A 199 -5.59 -5.28 6.59
CA ALA A 199 -6.17 -3.97 6.40
C ALA A 199 -7.41 -4.20 5.54
N PRO A 200 -8.18 -3.12 5.32
CA PRO A 200 -9.39 -3.24 4.52
C PRO A 200 -9.04 -3.54 3.06
N GLY A 201 -9.63 -4.62 2.54
CA GLY A 201 -9.35 -5.02 1.18
C GLY A 201 -10.55 -5.48 0.39
N ALA A 202 -11.72 -5.54 0.97
CA ALA A 202 -12.92 -5.93 0.24
C ALA A 202 -13.84 -4.73 0.16
N GLY A 203 -14.38 -4.51 -1.04
CA GLY A 203 -15.30 -3.44 -1.33
C GLY A 203 -14.74 -2.05 -1.07
N VAL A 204 -13.51 -1.80 -1.50
CA VAL A 204 -12.84 -0.52 -1.33
C VAL A 204 -12.98 0.35 -2.51
N TYR A 205 -13.61 1.42 -2.15
CA TYR A 205 -13.91 2.50 -3.04
C TYR A 205 -12.78 3.54 -3.02
N SER A 206 -12.41 3.98 -4.21
CA SER A 206 -11.35 4.93 -4.36
C SER A 206 -11.35 5.58 -5.73
N THR A 207 -10.34 6.41 -5.92
CA THR A 207 -10.13 7.07 -7.19
C THR A 207 -10.00 6.07 -8.30
N TYR A 208 -10.46 6.53 -9.46
CA TYR A 208 -10.43 5.65 -10.59
C TYR A 208 -10.60 6.43 -11.89
N PRO A 209 -9.78 6.09 -12.87
CA PRO A 209 -9.79 6.74 -14.18
C PRO A 209 -11.13 6.62 -14.89
N THR A 210 -11.60 7.61 -15.65
CA THR A 210 -11.11 8.96 -15.78
C THR A 210 -11.94 9.83 -14.88
N ASN A 211 -11.23 10.39 -13.94
CA ASN A 211 -11.93 11.31 -13.10
C ASN A 211 -13.14 10.70 -12.42
N THR A 212 -13.11 9.42 -12.10
CA THR A 212 -14.25 8.91 -11.39
C THR A 212 -13.81 8.16 -10.15
N TYR A 213 -14.67 7.28 -9.63
CA TYR A 213 -14.41 6.55 -8.38
C TYR A 213 -15.01 5.14 -8.44
N ALA A 214 -14.36 4.10 -7.90
CA ALA A 214 -14.89 2.77 -8.08
C ALA A 214 -14.50 1.85 -6.97
N THR A 215 -15.17 0.70 -6.94
CA THR A 215 -14.92 -0.22 -5.88
C THR A 215 -14.24 -1.45 -6.42
N LEU A 216 -13.13 -1.83 -5.80
CA LEU A 216 -12.37 -3.03 -6.18
C LEU A 216 -12.14 -3.93 -4.95
N ASN A 217 -11.77 -5.22 -5.13
CA ASN A 217 -11.48 -6.05 -3.99
C ASN A 217 -10.09 -6.61 -4.15
N GLY A 218 -9.33 -6.82 -3.11
CA GLY A 218 -8.02 -7.35 -3.30
C GLY A 218 -7.08 -6.95 -2.18
N THR A 219 -6.12 -7.85 -1.96
CA THR A 219 -5.04 -7.52 -1.05
C THR A 219 -4.36 -6.27 -1.63
N SER A 220 -4.43 -6.12 -2.94
CA SER A 220 -3.92 -4.90 -3.54
C SER A 220 -4.47 -3.65 -2.89
N MET A 221 -5.71 -3.74 -2.46
CA MET A 221 -6.41 -2.59 -1.89
C MET A 221 -6.06 -2.50 -0.42
N ALA A 222 -5.71 -3.61 0.23
CA ALA A 222 -5.39 -3.48 1.64
C ALA A 222 -4.01 -2.84 1.83
N SER A 223 -3.07 -3.21 0.94
CA SER A 223 -1.68 -2.74 1.00
C SER A 223 -1.51 -1.23 1.20
N PRO A 224 -2.14 -0.38 0.40
CA PRO A 224 -1.96 1.06 0.58
C PRO A 224 -2.52 1.60 1.89
N HIS A 225 -3.40 0.80 2.52
CA HIS A 225 -3.85 1.27 3.80
C HIS A 225 -2.65 1.25 4.69
N VAL A 226 -1.86 0.21 4.55
CA VAL A 226 -0.68 0.11 5.39
C VAL A 226 0.38 1.14 5.04
N ALA A 227 0.61 1.33 3.77
CA ALA A 227 1.55 2.34 3.39
C ALA A 227 1.11 3.70 3.89
N GLY A 228 -0.19 4.03 3.76
CA GLY A 228 -0.66 5.32 4.25
C GLY A 228 -0.44 5.46 5.76
N ALA A 229 -0.56 4.36 6.47
CA ALA A 229 -0.40 4.42 7.91
C ALA A 229 1.01 4.71 8.36
N ALA A 230 1.90 4.09 7.60
CA ALA A 230 3.28 4.28 7.94
C ALA A 230 3.56 5.77 7.75
N ALA A 231 3.05 6.24 6.62
CA ALA A 231 3.22 7.65 6.34
C ALA A 231 2.63 8.47 7.45
N LEU A 232 1.48 8.10 8.00
CA LEU A 232 1.01 8.93 9.12
C LEU A 232 1.95 8.88 10.33
N ILE A 233 2.42 7.68 10.62
CA ILE A 233 3.30 7.52 11.74
C ILE A 233 4.50 8.46 11.62
N LEU A 234 5.09 8.47 10.43
CA LEU A 234 6.28 9.27 10.14
C LEU A 234 6.06 10.76 10.22
N SER A 235 4.86 11.17 9.83
CA SER A 235 4.55 12.56 9.97
C SER A 235 4.37 12.93 11.43
N LYS A 236 4.07 11.97 12.28
CA LYS A 236 3.95 12.34 13.67
C LYS A 236 5.26 12.13 14.42
N HIS A 237 6.11 11.19 14.00
CA HIS A 237 7.36 10.83 14.66
C HIS A 237 8.43 10.64 13.60
N PRO A 238 8.89 11.77 13.06
CA PRO A 238 9.86 11.79 11.99
C PRO A 238 11.14 11.16 12.39
N ASN A 239 11.38 10.94 13.66
CA ASN A 239 12.66 10.40 14.04
C ASN A 239 12.71 8.90 13.89
N LEU A 240 11.56 8.24 13.68
CA LEU A 240 11.54 6.79 13.66
C LEU A 240 12.31 6.07 12.59
N SER A 241 12.70 4.83 12.87
CA SER A 241 13.35 4.17 11.76
C SER A 241 12.31 3.31 11.07
N ALA A 242 12.67 2.72 9.93
CA ALA A 242 11.73 1.89 9.19
C ALA A 242 11.32 0.75 10.05
N SER A 243 12.29 0.09 10.66
CA SER A 243 11.86 -1.03 11.46
C SER A 243 11.07 -0.62 12.68
N GLN A 244 11.33 0.56 13.23
CA GLN A 244 10.51 0.96 14.36
C GLN A 244 9.06 1.18 13.91
N VAL A 245 8.91 1.77 12.70
CA VAL A 245 7.58 2.03 12.16
C VAL A 245 6.84 0.72 11.95
N ARG A 246 7.55 -0.21 11.34
CA ARG A 246 7.09 -1.56 11.12
C ARG A 246 6.60 -2.24 12.40
N ASN A 247 7.46 -2.16 13.41
CA ASN A 247 7.13 -2.72 14.71
C ASN A 247 5.85 -2.21 15.39
N ARG A 248 5.60 -0.88 15.28
CA ARG A 248 4.47 -0.18 15.88
C ARG A 248 3.23 -0.70 15.20
N LEU A 249 3.34 -0.86 13.90
CA LEU A 249 2.18 -1.30 13.19
C LEU A 249 1.79 -2.72 13.61
N SER A 250 2.74 -3.65 13.67
CA SER A 250 2.28 -4.97 14.02
C SER A 250 2.02 -5.18 15.49
N SER A 251 2.73 -4.50 16.38
CA SER A 251 2.50 -4.66 17.81
C SER A 251 1.21 -4.15 18.33
N THR A 252 0.67 -3.10 17.74
CA THR A 252 -0.56 -2.62 18.32
C THR A 252 -1.77 -3.12 17.52
N ALA A 253 -1.52 -4.01 16.57
CA ALA A 253 -2.62 -4.46 15.73
C ALA A 253 -3.76 -5.08 16.56
N THR A 254 -4.98 -5.09 16.04
CA THR A 254 -6.09 -5.73 16.75
C THR A 254 -6.11 -7.20 16.41
N TYR A 255 -5.96 -8.05 17.40
CA TYR A 255 -6.02 -9.49 17.16
C TYR A 255 -7.37 -9.98 16.62
N LEU A 256 -7.37 -10.78 15.56
CA LEU A 256 -8.57 -11.35 14.95
C LEU A 256 -8.59 -12.90 14.93
N GLY A 257 -7.44 -13.53 15.14
CA GLY A 257 -7.34 -14.99 15.09
C GLY A 257 -5.92 -15.47 14.80
N SER A 258 -5.76 -16.74 14.49
CA SER A 258 -4.46 -17.28 14.22
C SER A 258 -3.62 -16.50 13.19
N SER A 259 -2.32 -16.37 13.44
CA SER A 259 -1.42 -15.63 12.59
C SER A 259 -1.29 -16.20 11.19
N PHE A 260 -1.51 -17.47 11.00
CA PHE A 260 -1.45 -17.99 9.65
C PHE A 260 -2.49 -17.33 8.74
N TYR A 261 -3.68 -16.92 9.23
CA TYR A 261 -4.62 -16.29 8.35
C TYR A 261 -4.75 -14.80 8.59
N TYR A 262 -4.28 -14.32 9.74
CA TYR A 262 -4.50 -12.92 10.05
C TYR A 262 -3.19 -12.20 10.44
N GLY A 263 -2.03 -12.82 10.45
CA GLY A 263 -0.84 -12.18 10.96
C GLY A 263 -1.14 -11.67 12.36
N LYS A 264 -0.63 -10.49 12.73
CA LYS A 264 -0.90 -9.96 14.06
C LYS A 264 -2.29 -9.32 14.09
N GLY A 265 -3.02 -9.18 12.98
CA GLY A 265 -4.35 -8.60 13.04
C GLY A 265 -4.52 -7.31 12.26
N LEU A 266 -5.63 -6.67 12.58
CA LEU A 266 -5.93 -5.47 11.85
C LEU A 266 -5.16 -4.27 12.35
N ILE A 267 -4.56 -3.53 11.43
CA ILE A 267 -3.84 -2.34 11.86
C ILE A 267 -4.74 -1.32 12.52
N ASN A 268 -4.14 -0.62 13.47
CA ASN A 268 -4.73 0.39 14.34
C ASN A 268 -3.76 1.55 14.38
N VAL A 269 -4.00 2.51 13.50
CA VAL A 269 -3.06 3.60 13.43
C VAL A 269 -3.07 4.45 14.66
N GLU A 270 -4.22 4.75 15.21
CA GLU A 270 -4.17 5.63 16.35
C GLU A 270 -3.29 5.03 17.40
N ALA A 271 -3.49 3.75 17.68
CA ALA A 271 -2.60 3.08 18.62
C ALA A 271 -1.15 3.06 18.15
N ALA A 272 -0.91 2.80 16.88
CA ALA A 272 0.45 2.67 16.44
C ALA A 272 1.22 3.98 16.44
N ALA A 273 0.51 5.07 16.30
CA ALA A 273 1.13 6.36 16.19
C ALA A 273 1.29 7.08 17.50
N GLN A 274 0.86 6.48 18.58
CA GLN A 274 0.93 7.10 19.92
C GLN A 274 2.11 8.01 20.21
O1 0EF B . -4.30 -13.45 -15.23
C 0EF B . -4.84 -13.88 -14.26
O2 0EF B . -4.82 -15.24 -14.09
CT 0EF B . -5.47 -15.86 -15.23
C1 0EF B . -6.51 -14.99 -15.98
C2 0EF B . -4.48 -16.24 -16.30
C3 0EF B . -6.06 -17.16 -14.83
N 0EF B . -4.72 -13.36 -12.95
CA 0EF B . -5.14 -12.03 -12.52
C4 0EF B . -4.05 -11.18 -11.84
O 0EF B . -3.24 -11.74 -11.09
CB 0EF B . -6.36 -12.11 -11.57
N1 0EF B . -4.09 -9.88 -12.07
CA1 0EF B . -3.45 -8.90 -11.23
C5 0EF B . -3.99 -8.98 -9.80
O3 0EF B . -5.11 -8.79 -9.34
CB1 0EF B . -3.65 -7.53 -11.89
CG 0EF B . -3.67 -7.89 -13.40
CD 0EF B . -3.85 -9.39 -13.53
N2 0EF B . -2.94 -9.21 -9.06
CA2 0EF B . -3.11 -9.17 -7.23
CB2 0EF B . -2.16 -10.41 -7.24
CG1 0EF B . -1.06 -10.54 -6.31
CD1 0EF B . -0.76 -9.56 -5.39
CD2 0EF B . -0.30 -11.71 -6.39
CE1 0EF B . 0.34 -9.76 -4.56
CE2 0EF B . 0.78 -11.92 -5.55
CZ 0EF B . 1.10 -10.93 -4.61
NHO 0EF B . -2.72 -7.80 -6.90
C6 0EF B . -3.55 -7.09 -6.06
O4 0EF B . -4.48 -7.63 -5.40
CA CA C . -11.28 14.19 -1.83
NA NA D . 5.69 -10.18 5.90
CA CA E . -4.78 16.06 -10.34
#